data_3R2Y
#
_entry.id   3R2Y
#
_cell.length_a   253.258
_cell.length_b   253.258
_cell.length_c   253.258
_cell.angle_alpha   90.000
_cell.angle_beta   90.000
_cell.angle_gamma   90.000
#
_symmetry.space_group_name_H-M   'F 41 3 2'
#
loop_
_entity.id
_entity.type
_entity.pdbx_description
1 polymer 'MAP kinase-activated protein kinase 2'
2 non-polymer 'MALONATE ION'
3 non-polymer 2-(2-QUINOLIN-3-YLPYRIDIN-4-YL)-1,5,6,7-TETRAHYDRO-4H-PYRROLO[3,2-C]PYRIDIN-4-ONE
4 water water
#
_entity_poly.entity_id   1
_entity_poly.type   'polypeptide(L)'
_entity_poly.pdbx_seq_one_letter_code
;FHVKSGLQIKKNAIIDDYKVTSQVLGLGINGKVLQIFNKRTQEKFALKMLQDCPKARREVELHWRASQCPHIVRIVDVYE
NLYAGRKCLLIVMECLDGGELFSRIQDRGDQAFTEREASEIMKSIGEAIQYLHSINIAHRDVKPENLLYTSKRPNAILKL
TDFGFAKETTSHNSLTTPCYTPYYVAPEVLGPEKYDKSCDMWSLGVIMYILLCGYPPFYSNHGLAISPGMKTRIRMGQYE
FPNPEWSEVSEEVKMLIRNLLKTEPTQRMTITEFMNHPWIMQSTKVPQTPLHTSRVLKEDKERWEDVKEEMTSALATMR
;
_entity_poly.pdbx_strand_id   A
#
loop_
_chem_comp.id
_chem_comp.type
_chem_comp.name
_chem_comp.formula
MLI non-polymer 'MALONATE ION' 'C3 H2 O4 -2'
P4O non-polymer 2-(2-QUINOLIN-3-YLPYRIDIN-4-YL)-1,5,6,7-TETRAHYDRO-4H-PYRROLO[3,2-C]PYRIDIN-4-ONE 'C21 H16 N4 O'
#
# COMPACT_ATOMS: atom_id res chain seq x y z
N PHE A 1 29.38 -8.39 -2.85
CA PHE A 1 28.60 -9.23 -1.87
C PHE A 1 27.69 -8.33 -1.03
N HIS A 2 26.49 -8.03 -1.53
CA HIS A 2 25.65 -7.06 -0.83
C HIS A 2 24.61 -7.78 0.03
N VAL A 3 25.00 -7.99 1.28
CA VAL A 3 24.16 -8.60 2.30
C VAL A 3 23.59 -7.52 3.17
N LYS A 4 22.27 -7.45 3.24
CA LYS A 4 21.66 -6.61 4.22
C LYS A 4 21.57 -7.46 5.51
N SER A 5 21.29 -6.81 6.62
CA SER A 5 21.28 -7.44 7.92
C SER A 5 20.03 -8.30 8.11
N GLY A 6 20.08 -9.20 9.08
CA GLY A 6 18.98 -10.04 9.42
C GLY A 6 18.09 -9.36 10.42
N LEU A 7 17.02 -10.04 10.83
CA LEU A 7 16.02 -9.47 11.70
C LEU A 7 16.26 -9.79 13.18
N GLN A 8 16.32 -8.74 13.99
CA GLN A 8 16.68 -8.86 15.38
C GLN A 8 15.54 -8.45 16.28
N ILE A 9 15.07 -9.38 17.08
CA ILE A 9 13.91 -9.11 17.89
C ILE A 9 14.38 -8.68 19.23
N LYS A 10 14.31 -7.38 19.48
CA LYS A 10 14.85 -6.82 20.73
C LYS A 10 14.02 -7.24 21.92
N LYS A 11 14.67 -7.64 23.00
CA LYS A 11 13.93 -7.96 24.23
C LYS A 11 13.81 -6.85 25.31
N ASN A 12 14.60 -5.79 25.22
CA ASN A 12 14.50 -4.72 26.21
C ASN A 12 13.16 -4.01 26.16
N ALA A 13 12.72 -3.37 27.23
CA ALA A 13 11.44 -2.68 27.17
C ALA A 13 11.54 -1.66 26.08
N ILE A 14 10.50 -1.49 25.29
CA ILE A 14 10.53 -0.52 24.20
C ILE A 14 10.58 0.90 24.79
N ILE A 15 10.16 1.02 26.04
CA ILE A 15 10.12 2.33 26.66
C ILE A 15 11.50 2.84 27.03
N ASP A 16 12.46 1.92 27.19
CA ASP A 16 13.89 2.26 27.27
C ASP A 16 14.40 3.06 26.04
N ASP A 17 13.84 2.81 24.86
CA ASP A 17 14.34 3.40 23.62
C ASP A 17 13.42 4.41 22.94
N TYR A 18 12.13 4.37 23.23
CA TYR A 18 11.23 5.34 22.60
C TYR A 18 10.27 5.85 23.63
N LYS A 19 9.76 7.05 23.40
CA LYS A 19 8.71 7.63 24.18
C LYS A 19 7.50 7.23 23.37
N VAL A 20 6.53 6.59 24.01
CA VAL A 20 5.30 6.18 23.36
C VAL A 20 4.21 7.19 23.71
N THR A 21 3.55 7.77 22.71
CA THR A 21 2.36 8.64 22.90
C THR A 21 1.05 7.86 22.72
N SER A 22 -0.08 8.57 22.75
CA SER A 22 -1.39 8.01 22.40
C SER A 22 -2.01 8.61 21.13
N GLN A 23 -1.29 9.45 20.39
CA GLN A 23 -1.77 9.86 19.08
C GLN A 23 -1.98 8.53 18.35
N VAL A 24 -3.12 8.40 17.69
CA VAL A 24 -3.45 7.20 16.91
C VAL A 24 -3.36 7.47 15.43
N LEU A 25 -2.53 6.70 14.74
CA LEU A 25 -2.25 6.90 13.32
C LEU A 25 -3.05 5.92 12.48
N GLY A 26 -3.66 4.93 13.13
CA GLY A 26 -4.36 3.93 12.38
C GLY A 26 -4.94 2.79 13.17
N LEU A 27 -6.09 2.32 12.68
CA LEU A 27 -6.84 1.22 13.26
C LEU A 27 -6.75 -0.04 12.41
N GLY A 28 -6.83 -1.20 13.06
CA GLY A 28 -6.64 -2.49 12.39
C GLY A 28 -6.95 -3.61 13.37
N ILE A 29 -6.87 -4.88 12.92
CA ILE A 29 -7.41 -5.98 13.73
C ILE A 29 -6.88 -5.95 15.14
N ASN A 30 -5.64 -5.52 15.33
CA ASN A 30 -4.94 -5.65 16.62
C ASN A 30 -4.96 -4.39 17.47
N GLY A 31 -5.93 -3.53 17.21
CA GLY A 31 -6.05 -2.31 17.95
C GLY A 31 -5.23 -1.31 17.19
N LYS A 32 -4.76 -0.30 17.91
CA LYS A 32 -4.35 0.97 17.28
C LYS A 32 -2.88 0.99 16.90
N VAL A 33 -2.55 1.88 15.96
CA VAL A 33 -1.17 2.16 15.56
C VAL A 33 -0.79 3.47 16.16
N LEU A 34 0.22 3.49 17.04
CA LEU A 34 0.54 4.68 17.79
C LEU A 34 1.78 5.38 17.27
N GLN A 35 1.74 6.72 17.29
CA GLN A 35 2.91 7.56 17.08
C GLN A 35 3.77 7.45 18.30
N ILE A 36 5.06 7.20 18.11
CA ILE A 36 6.05 7.11 19.19
C ILE A 36 7.29 7.89 18.76
N PHE A 37 8.20 8.14 19.69
CA PHE A 37 9.41 8.92 19.42
C PHE A 37 10.72 8.24 19.87
N ASN A 38 11.67 8.16 18.96
CA ASN A 38 12.98 7.64 19.26
C ASN A 38 13.64 8.62 20.18
N LYS A 39 14.10 8.16 21.34
CA LYS A 39 14.65 9.05 22.39
C LYS A 39 15.94 9.71 21.96
N ARG A 40 16.87 8.88 21.51
CA ARG A 40 18.18 9.32 21.02
C ARG A 40 18.12 10.41 19.94
N THR A 41 17.09 10.35 19.11
CA THR A 41 17.04 11.04 17.81
C THR A 41 15.84 11.98 17.71
N GLN A 42 14.98 11.94 18.70
CA GLN A 42 13.75 12.66 18.71
C GLN A 42 12.92 12.59 17.39
N GLU A 43 13.22 11.62 16.54
CA GLU A 43 12.46 11.41 15.30
C GLU A 43 11.20 10.62 15.62
N LYS A 44 10.20 10.76 14.76
CA LYS A 44 8.89 10.16 14.94
C LYS A 44 8.76 8.81 14.20
N PHE A 45 8.02 7.89 14.81
CA PHE A 45 7.72 6.60 14.20
C PHE A 45 6.30 6.12 14.52
N ALA A 46 5.85 5.16 13.70
CA ALA A 46 4.62 4.43 13.92
C ALA A 46 4.92 3.14 14.68
N LEU A 47 4.07 2.83 15.65
CA LEU A 47 4.21 1.59 16.44
C LEU A 47 3.01 0.68 16.20
N LYS A 48 3.23 -0.58 15.84
CA LYS A 48 2.14 -1.54 15.70
C LYS A 48 2.34 -2.64 16.69
N MET A 49 1.26 -3.00 17.36
CA MET A 49 1.30 -3.95 18.44
C MET A 49 0.50 -5.19 18.08
N LEU A 50 1.15 -6.34 18.13
CA LEU A 50 0.47 -7.58 17.87
C LEU A 50 0.58 -8.40 19.10
N GLN A 51 -0.34 -9.37 19.28
CA GLN A 51 -0.21 -10.41 20.32
C GLN A 51 0.72 -11.47 19.74
N ASP A 52 1.74 -11.89 20.48
CA ASP A 52 2.75 -12.80 19.92
C ASP A 52 2.21 -14.22 19.75
N CYS A 53 1.74 -14.51 18.55
CA CYS A 53 1.31 -15.84 18.17
C CYS A 53 2.09 -16.12 16.90
N PRO A 54 1.80 -17.22 16.16
CA PRO A 54 2.68 -17.47 15.04
C PRO A 54 2.23 -16.72 13.80
N LYS A 55 0.97 -16.28 13.81
CA LYS A 55 0.50 -15.34 12.81
C LYS A 55 1.32 -14.04 12.91
N ALA A 56 1.35 -13.43 14.09
CA ALA A 56 2.17 -12.22 14.32
C ALA A 56 3.59 -12.42 13.82
N ARG A 57 4.17 -13.54 14.21
CA ARG A 57 5.54 -13.85 13.85
C ARG A 57 5.77 -13.99 12.32
N ARG A 58 4.68 -13.98 11.56
CA ARG A 58 4.70 -14.24 10.13
C ARG A 58 4.56 -12.93 9.40
N GLU A 59 3.80 -12.00 9.96
CA GLU A 59 3.70 -10.64 9.43
C GLU A 59 5.08 -10.04 9.44
N VAL A 60 5.59 -9.89 10.67
CA VAL A 60 6.89 -9.33 10.95
C VAL A 60 7.91 -9.90 10.04
N GLU A 61 7.90 -11.20 9.85
CA GLU A 61 8.83 -11.77 8.91
C GLU A 61 8.70 -11.15 7.54
N LEU A 62 7.52 -11.25 6.95
CA LEU A 62 7.38 -10.90 5.57
C LEU A 62 7.62 -9.45 5.41
N HIS A 63 7.05 -8.69 6.32
CA HIS A 63 7.17 -7.26 6.22
C HIS A 63 8.65 -6.93 6.29
N TRP A 64 9.31 -7.50 7.29
CA TRP A 64 10.69 -7.17 7.46
C TRP A 64 11.44 -7.51 6.17
N ARG A 65 11.22 -8.69 5.62
CA ARG A 65 11.88 -9.11 4.38
C ARG A 65 11.58 -8.11 3.24
N ALA A 66 10.35 -7.61 3.25
CA ALA A 66 9.84 -6.65 2.25
C ALA A 66 10.33 -5.25 2.45
N SER A 67 10.92 -4.97 3.61
CA SER A 67 11.09 -3.61 4.05
C SER A 67 12.14 -2.82 3.29
N GLN A 68 13.15 -3.51 2.78
CA GLN A 68 14.25 -2.85 2.06
C GLN A 68 13.86 -2.49 0.62
N CYS A 69 12.58 -2.20 0.41
CA CYS A 69 12.07 -1.72 -0.88
C CYS A 69 11.55 -0.35 -0.64
N PRO A 70 11.95 0.57 -1.52
CA PRO A 70 11.68 1.95 -1.28
C PRO A 70 10.19 2.33 -1.23
N HIS A 71 9.29 1.52 -1.79
CA HIS A 71 7.87 1.91 -1.79
C HIS A 71 7.04 1.12 -0.79
N ILE A 72 7.68 0.64 0.28
CA ILE A 72 7.00 -0.16 1.28
C ILE A 72 7.47 0.31 2.62
N VAL A 73 6.51 0.55 3.50
CA VAL A 73 6.81 1.14 4.78
C VAL A 73 7.83 0.27 5.48
N ARG A 74 8.90 0.93 5.98
CA ARG A 74 10.12 0.26 6.42
C ARG A 74 10.07 0.03 7.90
N ILE A 75 10.50 -1.16 8.32
CA ILE A 75 10.55 -1.55 9.73
C ILE A 75 11.89 -1.10 10.23
N VAL A 76 11.89 -0.56 11.43
CA VAL A 76 13.07 0.10 11.99
C VAL A 76 13.55 -0.58 13.28
N ASP A 77 12.64 -1.07 14.11
CA ASP A 77 12.97 -2.21 14.93
C ASP A 77 11.75 -2.96 15.41
N VAL A 78 11.99 -4.18 15.88
CA VAL A 78 10.94 -5.09 16.34
C VAL A 78 11.31 -5.59 17.74
N TYR A 79 10.37 -5.49 18.67
CA TYR A 79 10.60 -5.95 20.02
C TYR A 79 9.66 -7.06 20.41
N GLU A 80 10.10 -7.89 21.33
CA GLU A 80 9.19 -8.77 22.02
C GLU A 80 9.15 -8.31 23.46
N ASN A 81 7.99 -7.87 23.94
CA ASN A 81 7.82 -7.53 25.35
C ASN A 81 6.58 -8.17 25.95
N LEU A 82 6.49 -8.12 27.27
CA LEU A 82 5.30 -8.50 28.05
C LEU A 82 4.37 -7.34 28.25
N TYR A 83 3.08 -7.59 28.16
CA TYR A 83 2.06 -6.57 28.31
C TYR A 83 0.81 -7.25 28.93
N ALA A 84 0.47 -6.85 30.16
CA ALA A 84 -0.60 -7.51 30.92
C ALA A 84 -0.29 -9.01 30.96
N GLY A 85 0.98 -9.33 31.22
CA GLY A 85 1.44 -10.74 31.27
C GLY A 85 1.23 -11.55 29.98
N ARG A 86 1.23 -10.84 28.84
CA ARG A 86 1.03 -11.44 27.51
C ARG A 86 2.13 -11.04 26.52
N LYS A 87 2.87 -12.01 25.98
CA LYS A 87 3.85 -11.70 24.98
C LYS A 87 3.19 -10.91 23.87
N CYS A 88 3.86 -9.85 23.43
CA CYS A 88 3.41 -9.05 22.33
C CYS A 88 4.56 -8.81 21.43
N LEU A 89 4.28 -8.48 20.17
CA LEU A 89 5.31 -8.10 19.23
C LEU A 89 5.10 -6.68 18.87
N LEU A 90 6.08 -5.84 19.11
CA LEU A 90 5.94 -4.43 18.79
C LEU A 90 6.73 -4.19 17.50
N ILE A 91 6.06 -3.71 16.46
CA ILE A 91 6.72 -3.29 15.23
C ILE A 91 6.87 -1.78 15.24
N VAL A 92 8.09 -1.28 15.06
CA VAL A 92 8.33 0.16 14.95
C VAL A 92 8.71 0.47 13.51
N MET A 93 7.80 1.07 12.75
CA MET A 93 8.04 1.39 11.35
C MET A 93 8.19 2.87 11.14
N GLU A 94 8.59 3.21 9.93
CA GLU A 94 8.70 4.60 9.57
C GLU A 94 7.35 5.27 9.54
N CYS A 95 7.28 6.43 10.17
CA CYS A 95 6.05 7.18 10.23
C CYS A 95 5.80 7.93 8.93
N LEU A 96 4.59 7.80 8.39
CA LEU A 96 4.23 8.36 7.08
C LEU A 96 3.20 9.51 7.20
N ASP A 97 3.70 10.72 7.41
CA ASP A 97 2.85 11.91 7.67
C ASP A 97 1.85 12.27 6.59
N GLY A 98 2.17 12.03 5.33
CA GLY A 98 1.30 12.44 4.22
C GLY A 98 -0.13 11.91 4.21
N GLY A 99 -0.46 10.98 5.11
CA GLY A 99 -1.84 10.46 5.20
C GLY A 99 -2.18 9.66 3.95
N GLU A 100 -3.44 9.24 3.86
CA GLU A 100 -3.89 8.23 2.87
C GLU A 100 -3.82 8.76 1.44
N LEU A 101 -3.63 7.86 0.47
CA LEU A 101 -3.35 8.29 -0.91
C LEU A 101 -4.34 9.32 -1.42
N PHE A 102 -5.63 9.00 -1.28
CA PHE A 102 -6.67 9.79 -1.91
C PHE A 102 -6.85 11.10 -1.23
N SER A 103 -6.75 11.11 0.09
CA SER A 103 -6.95 12.33 0.80
C SER A 103 -6.03 13.39 0.18
N ARG A 104 -4.76 13.07 -0.02
CA ARG A 104 -3.87 14.03 -0.65
C ARG A 104 -4.42 14.58 -1.94
N ILE A 105 -5.02 13.72 -2.75
CA ILE A 105 -5.51 14.12 -4.06
C ILE A 105 -6.57 15.20 -3.86
N GLN A 106 -7.53 14.94 -2.95
CA GLN A 106 -8.59 15.95 -2.64
C GLN A 106 -8.08 17.20 -1.85
N ASP A 107 -7.34 18.04 -2.61
CA ASP A 107 -6.79 19.34 -2.19
C ASP A 107 -6.42 20.21 -3.38
N THR A 114 -4.44 15.16 -12.94
CA THR A 114 -3.63 14.82 -14.13
C THR A 114 -3.41 13.30 -14.36
N GLU A 115 -3.82 12.80 -15.51
CA GLU A 115 -3.47 11.46 -15.86
C GLU A 115 -2.06 11.19 -15.38
N ARG A 116 -1.13 11.92 -15.97
CA ARG A 116 0.30 11.65 -15.82
C ARG A 116 0.60 11.48 -14.33
N GLU A 117 0.03 12.35 -13.51
CA GLU A 117 0.19 12.23 -12.05
C GLU A 117 -0.35 10.85 -11.63
N ALA A 118 -1.48 10.42 -12.19
CA ALA A 118 -2.08 9.11 -11.90
C ALA A 118 -1.10 7.97 -12.24
N SER A 119 -0.57 8.00 -13.45
CA SER A 119 0.38 6.99 -13.90
C SER A 119 1.52 6.83 -12.90
N GLU A 120 2.08 7.95 -12.47
CA GLU A 120 3.23 7.91 -11.60
C GLU A 120 2.87 7.16 -10.33
N ILE A 121 1.69 7.41 -9.81
CA ILE A 121 1.25 6.72 -8.62
C ILE A 121 1.15 5.22 -8.92
N MET A 122 0.23 4.83 -9.79
CA MET A 122 0.17 3.44 -10.21
C MET A 122 1.56 2.85 -10.39
N LYS A 123 2.43 3.60 -11.03
CA LYS A 123 3.77 3.09 -11.31
C LYS A 123 4.53 2.74 -10.03
N SER A 124 4.37 3.58 -9.00
CA SER A 124 5.13 3.34 -7.78
C SER A 124 4.51 2.15 -7.05
N ILE A 125 3.17 2.12 -6.96
CA ILE A 125 2.45 1.01 -6.33
C ILE A 125 2.84 -0.31 -7.03
N GLY A 126 2.96 -0.26 -8.35
CA GLY A 126 3.49 -1.39 -9.10
C GLY A 126 4.77 -1.97 -8.52
N GLU A 127 5.74 -1.09 -8.29
CA GLU A 127 7.06 -1.52 -7.81
C GLU A 127 6.88 -2.24 -6.48
N ALA A 128 6.01 -1.72 -5.63
CA ALA A 128 5.76 -2.37 -4.35
C ALA A 128 5.36 -3.84 -4.53
N ILE A 129 4.42 -4.07 -5.43
CA ILE A 129 3.99 -5.41 -5.73
C ILE A 129 5.08 -6.20 -6.44
N GLN A 130 5.69 -5.57 -7.43
CA GLN A 130 6.72 -6.27 -8.13
C GLN A 130 7.76 -6.81 -7.16
N TYR A 131 8.19 -5.98 -6.23
CA TYR A 131 9.19 -6.42 -5.25
C TYR A 131 8.66 -7.62 -4.48
N LEU A 132 7.47 -7.46 -3.91
CA LEU A 132 6.83 -8.51 -3.15
C LEU A 132 6.73 -9.80 -3.94
N HIS A 133 6.19 -9.69 -5.15
CA HIS A 133 6.00 -10.89 -5.97
C HIS A 133 7.30 -11.62 -6.28
N SER A 134 8.37 -10.87 -6.54
CA SER A 134 9.67 -11.49 -6.87
C SER A 134 10.31 -12.18 -5.67
N ILE A 135 9.94 -11.80 -4.47
CA ILE A 135 10.44 -12.54 -3.30
C ILE A 135 9.32 -13.44 -2.76
N ASN A 136 8.26 -13.59 -3.53
CA ASN A 136 7.17 -14.55 -3.27
C ASN A 136 6.23 -14.25 -2.13
N ILE A 137 5.80 -13.00 -2.07
CA ILE A 137 4.94 -12.54 -1.02
C ILE A 137 3.78 -11.92 -1.71
N ALA A 138 2.58 -12.32 -1.33
CA ALA A 138 1.40 -11.68 -1.87
C ALA A 138 0.87 -10.84 -0.74
N HIS A 139 0.55 -9.60 -1.04
CA HIS A 139 0.09 -8.68 -0.02
C HIS A 139 -1.37 -8.91 0.30
N ARG A 140 -2.12 -9.28 -0.71
CA ARG A 140 -3.58 -9.37 -0.61
C ARG A 140 -4.24 -7.98 -0.44
N ASP A 141 -4.22 -7.47 0.80
CA ASP A 141 -4.97 -6.29 1.22
C ASP A 141 -4.42 -4.97 0.70
N VAL A 142 -4.34 -4.78 -0.61
CA VAL A 142 -3.88 -3.52 -1.24
C VAL A 142 -5.04 -2.53 -1.48
N LYS A 143 -5.78 -2.23 -0.42
CA LYS A 143 -6.81 -1.20 -0.43
C LYS A 143 -6.10 0.13 -0.44
N PRO A 144 -6.82 1.24 -0.67
CA PRO A 144 -6.14 2.53 -0.75
C PRO A 144 -5.86 3.13 0.63
N GLU A 145 -6.65 2.79 1.66
CA GLU A 145 -6.26 3.13 3.04
C GLU A 145 -4.82 2.73 3.33
N ASN A 146 -4.27 1.74 2.63
CA ASN A 146 -2.97 1.24 3.01
C ASN A 146 -1.86 1.80 2.17
N LEU A 147 -2.18 2.81 1.37
CA LEU A 147 -1.17 3.57 0.66
C LEU A 147 -1.05 4.99 1.24
N LEU A 148 0.04 5.24 1.97
CA LEU A 148 0.31 6.49 2.68
C LEU A 148 1.54 7.16 2.12
N TYR A 149 1.57 8.49 2.21
CA TYR A 149 2.71 9.31 1.72
C TYR A 149 3.65 9.68 2.88
N THR A 150 4.92 9.85 2.57
CA THR A 150 5.95 10.08 3.60
C THR A 150 5.86 11.45 4.29
N SER A 151 5.39 12.44 3.54
CA SER A 151 5.36 13.81 4.02
C SER A 151 4.39 14.60 3.15
N LYS A 152 3.81 15.68 3.71
CA LYS A 152 2.78 16.51 3.00
C LYS A 152 3.39 17.19 1.78
N ARG A 153 4.69 17.47 1.92
CA ARG A 153 5.55 17.87 0.81
C ARG A 153 5.16 17.14 -0.50
N PRO A 154 4.79 17.89 -1.55
CA PRO A 154 4.21 17.16 -2.70
C PRO A 154 5.22 16.36 -3.56
N ASN A 155 6.53 16.31 -3.23
CA ASN A 155 7.43 15.29 -3.86
C ASN A 155 7.58 13.99 -3.01
N ALA A 156 6.81 13.91 -1.91
CA ALA A 156 6.76 12.72 -1.04
C ALA A 156 6.66 11.38 -1.80
N ILE A 157 7.11 10.31 -1.16
CA ILE A 157 7.01 9.01 -1.78
C ILE A 157 5.81 8.18 -1.27
N LEU A 158 5.13 7.52 -2.20
CA LEU A 158 3.96 6.71 -1.87
C LEU A 158 4.43 5.34 -1.41
N LYS A 159 3.91 4.85 -0.28
CA LYS A 159 4.44 3.65 0.34
C LYS A 159 3.34 2.74 0.80
N LEU A 160 3.47 1.45 0.52
CA LEU A 160 2.43 0.49 0.89
C LEU A 160 2.65 -0.07 2.26
N THR A 161 1.59 -0.33 3.00
CA THR A 161 1.72 -0.77 4.37
C THR A 161 0.72 -1.85 4.73
N ASP A 162 0.80 -2.35 5.96
CA ASP A 162 -0.20 -3.25 6.55
C ASP A 162 -0.09 -4.65 5.96
N PHE A 163 0.57 -5.54 6.67
CA PHE A 163 0.91 -6.86 6.16
C PHE A 163 0.16 -7.92 6.91
N GLY A 164 -0.92 -7.49 7.58
CA GLY A 164 -1.79 -8.39 8.34
C GLY A 164 -2.28 -9.62 7.57
N PHE A 165 -2.34 -9.50 6.25
CA PHE A 165 -2.85 -10.54 5.38
C PHE A 165 -1.81 -11.04 4.37
N ALA A 166 -0.60 -10.48 4.38
CA ALA A 166 0.47 -11.04 3.58
C ALA A 166 0.56 -12.52 3.76
N LYS A 167 0.98 -13.18 2.69
CA LYS A 167 1.11 -14.61 2.68
C LYS A 167 2.27 -14.99 1.74
N GLU A 168 3.01 -16.03 2.12
CA GLU A 168 4.08 -16.57 1.30
C GLU A 168 3.51 -17.37 0.10
N THR A 169 4.24 -17.41 -1.01
CA THR A 169 3.81 -18.14 -2.22
C THR A 169 4.87 -19.14 -2.75
N THR A 170 5.58 -19.78 -1.81
CA THR A 170 6.67 -20.71 -2.11
C THR A 170 6.13 -22.07 -2.64
N ASP A 196 -3.29 -15.91 -5.67
CA ASP A 196 -3.00 -14.99 -4.55
C ASP A 196 -2.37 -13.67 -5.00
N LYS A 197 -1.35 -13.79 -5.84
CA LYS A 197 -0.71 -12.64 -6.45
C LYS A 197 -1.67 -12.03 -7.45
N SER A 198 -2.43 -12.86 -8.15
CA SER A 198 -3.35 -12.34 -9.18
C SER A 198 -4.38 -11.44 -8.55
N CYS A 199 -4.69 -11.68 -7.28
CA CYS A 199 -5.67 -10.87 -6.59
C CYS A 199 -5.05 -9.55 -6.12
N ASP A 200 -3.73 -9.42 -6.20
CA ASP A 200 -3.06 -8.13 -5.90
C ASP A 200 -3.24 -7.17 -7.03
N MET A 201 -3.10 -7.73 -8.23
CA MET A 201 -3.32 -6.99 -9.45
C MET A 201 -4.77 -6.51 -9.55
N TRP A 202 -5.71 -7.27 -9.00
CA TRP A 202 -7.07 -6.78 -8.98
C TRP A 202 -7.05 -5.42 -8.31
N SER A 203 -6.57 -5.37 -7.07
CA SER A 203 -6.55 -4.12 -6.29
C SER A 203 -5.91 -3.00 -7.08
N LEU A 204 -4.77 -3.32 -7.67
CA LEU A 204 -4.07 -2.39 -8.53
C LEU A 204 -5.09 -1.81 -9.54
N GLY A 205 -5.83 -2.67 -10.24
CA GLY A 205 -6.84 -2.19 -11.19
C GLY A 205 -7.95 -1.32 -10.58
N VAL A 206 -8.43 -1.73 -9.42
CA VAL A 206 -9.43 -0.93 -8.71
C VAL A 206 -8.85 0.44 -8.35
N ILE A 207 -7.58 0.47 -7.99
CA ILE A 207 -6.99 1.70 -7.52
C ILE A 207 -6.74 2.59 -8.71
N MET A 208 -6.35 2.00 -9.83
CA MET A 208 -6.20 2.75 -11.08
C MET A 208 -7.56 3.34 -11.40
N TYR A 209 -8.60 2.52 -11.32
CA TYR A 209 -9.92 3.02 -11.64
C TYR A 209 -10.11 4.33 -10.90
N ILE A 210 -10.22 4.23 -9.57
CA ILE A 210 -10.58 5.33 -8.69
C ILE A 210 -9.69 6.54 -8.90
N LEU A 211 -8.44 6.32 -9.27
CA LEU A 211 -7.57 7.43 -9.59
C LEU A 211 -8.05 8.26 -10.77
N LEU A 212 -8.63 7.61 -11.78
CA LEU A 212 -8.92 8.34 -13.00
C LEU A 212 -10.28 9.02 -13.00
N CYS A 213 -11.28 8.39 -12.40
CA CYS A 213 -12.61 8.95 -12.52
C CYS A 213 -13.09 9.55 -11.23
N GLY A 214 -12.77 8.92 -10.11
CA GLY A 214 -13.12 9.43 -8.79
C GLY A 214 -13.95 8.52 -7.91
N TYR A 215 -14.35 7.37 -8.42
CA TYR A 215 -15.22 6.44 -7.68
C TYR A 215 -14.82 5.04 -8.06
N PRO A 216 -15.31 4.03 -7.34
CA PRO A 216 -14.93 2.67 -7.71
C PRO A 216 -15.60 2.24 -9.00
N PRO A 217 -15.14 1.14 -9.58
CA PRO A 217 -15.93 0.61 -10.66
C PRO A 217 -17.25 0.01 -10.15
N PHE A 218 -17.39 -0.18 -8.85
CA PHE A 218 -18.59 -0.80 -8.29
C PHE A 218 -19.38 0.11 -7.32
N TYR A 219 -20.54 0.60 -7.79
CA TYR A 219 -21.43 1.47 -7.01
C TYR A 219 -22.50 0.63 -6.30
N MET A 230 -23.88 -5.58 -5.74
CA MET A 230 -22.44 -5.28 -5.64
C MET A 230 -21.59 -6.56 -5.60
N LYS A 231 -21.83 -7.43 -4.62
CA LYS A 231 -21.23 -8.78 -4.59
C LYS A 231 -21.48 -9.51 -5.93
N THR A 232 -22.62 -9.22 -6.56
CA THR A 232 -23.06 -9.85 -7.83
C THR A 232 -22.48 -9.18 -9.09
N ARG A 233 -22.42 -7.83 -9.08
CA ARG A 233 -21.77 -7.04 -10.16
C ARG A 233 -20.25 -7.29 -10.26
N ILE A 234 -19.62 -7.70 -9.14
CA ILE A 234 -18.18 -8.04 -9.09
C ILE A 234 -17.94 -9.39 -9.77
N ARG A 235 -18.58 -10.46 -9.27
CA ARG A 235 -18.46 -11.81 -9.86
C ARG A 235 -18.70 -11.76 -11.38
N MET A 236 -19.65 -10.95 -11.82
CA MET A 236 -19.94 -10.78 -13.27
C MET A 236 -18.84 -10.03 -14.04
N GLY A 237 -18.25 -9.02 -13.40
CA GLY A 237 -17.29 -8.17 -14.09
C GLY A 237 -18.06 -7.10 -14.84
N GLN A 238 -18.98 -6.47 -14.10
CA GLN A 238 -19.99 -5.55 -14.61
C GLN A 238 -19.64 -4.12 -14.15
N TYR A 239 -19.06 -3.32 -15.05
CA TYR A 239 -18.57 -1.96 -14.73
C TYR A 239 -18.39 -1.10 -15.98
N GLU A 240 -18.66 0.19 -15.87
CA GLU A 240 -18.59 1.07 -17.03
C GLU A 240 -17.37 1.98 -16.92
N PHE A 241 -17.05 2.65 -18.03
CA PHE A 241 -16.22 3.86 -18.03
C PHE A 241 -17.11 5.04 -18.45
N PRO A 242 -18.18 5.30 -17.69
CA PRO A 242 -19.18 6.21 -18.17
C PRO A 242 -18.67 7.63 -18.22
N ASN A 243 -19.33 8.47 -19.01
CA ASN A 243 -18.89 9.82 -19.26
C ASN A 243 -19.83 10.81 -18.57
N PRO A 244 -19.61 12.12 -18.80
CA PRO A 244 -18.32 12.74 -19.20
C PRO A 244 -17.14 12.60 -18.23
N GLU A 245 -17.29 11.79 -17.17
CA GLU A 245 -16.15 11.47 -16.31
C GLU A 245 -14.98 10.82 -17.10
N TRP A 246 -15.25 9.75 -17.85
CA TRP A 246 -14.21 8.99 -18.62
C TRP A 246 -14.05 9.30 -20.13
N SER A 247 -14.88 10.18 -20.67
CA SER A 247 -14.94 10.49 -22.12
C SER A 247 -13.60 10.89 -22.75
N GLU A 248 -12.74 11.50 -21.93
CA GLU A 248 -11.44 11.99 -22.38
C GLU A 248 -10.31 10.97 -22.25
N VAL A 249 -10.61 9.77 -21.72
CA VAL A 249 -9.58 8.78 -21.33
C VAL A 249 -9.22 7.78 -22.45
N SER A 250 -7.93 7.50 -22.59
CA SER A 250 -7.43 6.68 -23.70
C SER A 250 -7.95 5.24 -23.70
N GLU A 251 -7.99 4.64 -24.88
CA GLU A 251 -8.32 3.21 -25.05
C GLU A 251 -7.12 2.35 -24.67
N GLU A 252 -5.95 2.96 -24.72
CA GLU A 252 -4.75 2.40 -24.12
C GLU A 252 -5.00 2.13 -22.64
N VAL A 253 -5.45 3.15 -21.93
CA VAL A 253 -5.65 3.06 -20.50
C VAL A 253 -6.79 2.12 -20.15
N LYS A 254 -7.88 2.26 -20.88
CA LYS A 254 -9.09 1.51 -20.61
C LYS A 254 -8.79 0.01 -20.74
N MET A 255 -8.05 -0.35 -21.80
CA MET A 255 -7.62 -1.74 -22.01
C MET A 255 -6.97 -2.28 -20.78
N LEU A 256 -5.92 -1.58 -20.36
CA LEU A 256 -5.13 -1.96 -19.20
C LEU A 256 -6.01 -2.23 -17.96
N ILE A 257 -6.89 -1.31 -17.63
CA ILE A 257 -7.75 -1.51 -16.50
C ILE A 257 -8.53 -2.78 -16.70
N ARG A 258 -9.14 -2.89 -17.87
CA ARG A 258 -9.93 -4.08 -18.23
C ARG A 258 -9.15 -5.40 -18.05
N ASN A 259 -7.87 -5.39 -18.40
CA ASN A 259 -6.99 -6.54 -18.17
C ASN A 259 -6.68 -6.75 -16.69
N LEU A 260 -6.60 -5.69 -15.90
CA LEU A 260 -6.42 -5.88 -14.45
C LEU A 260 -7.70 -6.35 -13.76
N LEU A 261 -8.87 -6.02 -14.29
CA LEU A 261 -10.11 -6.34 -13.61
C LEU A 261 -10.83 -7.53 -14.20
N LYS A 262 -10.11 -8.37 -14.95
CA LYS A 262 -10.70 -9.61 -15.45
C LYS A 262 -11.22 -10.46 -14.27
N THR A 263 -12.47 -10.89 -14.37
CA THR A 263 -13.08 -11.75 -13.36
C THR A 263 -12.27 -13.02 -13.09
N GLU A 264 -11.68 -13.57 -14.15
CA GLU A 264 -10.95 -14.82 -14.07
C GLU A 264 -9.48 -14.58 -13.73
N PRO A 265 -9.06 -14.89 -12.48
CA PRO A 265 -7.67 -14.59 -12.12
C PRO A 265 -6.65 -15.09 -13.15
N THR A 266 -6.84 -16.30 -13.64
CA THR A 266 -5.82 -16.98 -14.43
C THR A 266 -5.42 -16.21 -15.64
N GLN A 267 -6.18 -15.22 -16.10
CA GLN A 267 -5.50 -14.26 -16.99
C GLN A 267 -5.83 -12.81 -16.80
N ARG A 268 -5.87 -12.40 -15.55
CA ARG A 268 -5.48 -11.07 -15.18
C ARG A 268 -3.98 -10.94 -15.44
N MET A 269 -3.60 -9.74 -15.86
CA MET A 269 -2.18 -9.33 -16.08
C MET A 269 -1.17 -9.61 -14.92
N THR A 270 -0.05 -10.28 -15.22
CA THR A 270 1.04 -10.42 -14.24
C THR A 270 1.67 -9.04 -13.95
N ILE A 271 2.15 -8.83 -12.72
CA ILE A 271 2.79 -7.54 -12.34
C ILE A 271 3.93 -7.20 -13.28
N THR A 272 4.69 -8.22 -13.65
CA THR A 272 5.80 -8.05 -14.58
C THR A 272 5.37 -7.44 -15.91
N GLU A 273 4.10 -7.62 -16.27
CA GLU A 273 3.59 -7.11 -17.54
C GLU A 273 3.00 -5.70 -17.37
N PHE A 274 2.29 -5.54 -16.27
CA PHE A 274 1.87 -4.24 -15.82
C PHE A 274 3.03 -3.29 -15.90
N MET A 275 4.17 -3.65 -15.32
CA MET A 275 5.26 -2.71 -15.28
C MET A 275 5.80 -2.50 -16.66
N ASN A 276 5.75 -3.51 -17.52
CA ASN A 276 6.18 -3.31 -18.91
C ASN A 276 5.20 -2.52 -19.78
N HIS A 277 3.94 -2.41 -19.38
CA HIS A 277 2.99 -1.75 -20.23
C HIS A 277 3.30 -0.26 -20.28
N PRO A 278 3.40 0.33 -21.50
CA PRO A 278 3.75 1.74 -21.77
C PRO A 278 3.21 2.83 -20.82
N TRP A 279 1.90 2.90 -20.69
CA TRP A 279 1.32 3.85 -19.74
C TRP A 279 2.18 3.97 -18.47
N ILE A 280 2.60 2.83 -17.92
CA ILE A 280 3.40 2.79 -16.69
C ILE A 280 4.88 2.88 -17.01
N MET A 281 5.33 2.07 -17.96
CA MET A 281 6.74 1.97 -18.38
C MET A 281 7.38 3.36 -18.64
N GLN A 282 6.92 4.06 -19.68
CA GLN A 282 7.34 5.44 -20.01
C GLN A 282 6.38 6.42 -19.29
N SER A 283 6.63 6.61 -18.00
CA SER A 283 5.71 7.26 -17.05
C SER A 283 5.52 8.72 -17.36
N THR A 284 6.64 9.43 -17.44
CA THR A 284 6.63 10.88 -17.58
C THR A 284 6.20 11.37 -19.00
N LYS A 285 6.35 10.54 -20.04
CA LYS A 285 5.88 10.88 -21.39
C LYS A 285 4.38 10.59 -21.61
N VAL A 286 3.63 10.43 -20.52
CA VAL A 286 2.18 10.33 -20.65
C VAL A 286 1.62 11.76 -20.74
N PRO A 287 0.56 11.94 -21.54
CA PRO A 287 -0.03 13.28 -21.67
C PRO A 287 -0.55 13.82 -20.34
N GLN A 288 -0.23 15.08 -20.04
CA GLN A 288 -0.72 15.73 -18.81
C GLN A 288 -2.19 16.12 -18.97
N THR A 289 -3.00 15.19 -19.47
CA THR A 289 -4.42 15.40 -19.68
C THR A 289 -5.12 15.41 -18.31
N PRO A 290 -5.98 16.42 -18.05
CA PRO A 290 -6.55 16.59 -16.70
C PRO A 290 -7.80 15.77 -16.44
N LEU A 291 -8.02 15.42 -15.16
CA LEU A 291 -9.19 14.64 -14.76
C LEU A 291 -9.85 15.12 -13.46
N HIS A 292 -11.11 14.74 -13.31
CA HIS A 292 -12.03 15.34 -12.35
C HIS A 292 -11.92 14.75 -10.92
N THR A 293 -10.96 13.83 -10.75
CA THR A 293 -10.88 12.92 -9.60
C THR A 293 -11.01 13.61 -8.25
N SER A 294 -10.31 14.73 -8.10
CA SER A 294 -10.38 15.58 -6.92
C SER A 294 -11.83 16.09 -6.65
N ARG A 295 -12.43 16.71 -7.68
CA ARG A 295 -13.81 17.18 -7.61
C ARG A 295 -14.79 16.08 -7.14
N VAL A 296 -14.65 14.90 -7.71
CA VAL A 296 -15.60 13.81 -7.45
C VAL A 296 -15.46 13.25 -6.03
N LEU A 297 -14.20 13.10 -5.61
CA LEU A 297 -13.87 12.60 -4.27
C LEU A 297 -14.09 13.71 -3.24
N LYS A 298 -14.20 14.97 -3.69
CA LYS A 298 -14.78 16.06 -2.86
C LYS A 298 -16.29 15.81 -2.79
N GLU A 299 -16.94 15.88 -3.96
CA GLU A 299 -18.39 15.66 -4.08
C GLU A 299 -18.79 14.42 -3.28
N ASP A 300 -18.22 13.28 -3.66
CA ASP A 300 -18.35 12.03 -2.87
C ASP A 300 -17.27 11.95 -1.75
C1 MLI B . 18.19 2.47 19.54
C2 MLI B . 16.98 1.87 18.85
C3 MLI B . 18.23 3.91 19.05
O6 MLI B . 15.89 2.45 18.96
O7 MLI B . 17.09 0.83 18.17
O8 MLI B . 18.37 4.86 19.83
O9 MLI B . 18.06 4.06 17.82
C1 MLI C . -4.66 -5.76 9.43
C2 MLI C . -5.82 -4.85 9.12
C3 MLI C . -3.63 -5.09 10.31
O6 MLI C . -5.86 -4.33 7.99
O7 MLI C . -6.71 -4.65 9.98
O8 MLI C . -3.50 -3.86 10.26
O9 MLI C . -2.94 -5.81 11.07
C19 P4O D . -0.63 7.60 9.33
C20 P4O D . -1.00 8.95 9.41
C25 P4O D . -2.32 9.34 9.16
C24 P4O D . -2.66 10.65 9.26
C23 P4O D . -1.70 11.62 9.60
C22 P4O D . -0.39 11.27 9.84
C21 P4O D . -0.01 9.92 9.75
N16 P4O D . 1.25 9.53 10.00
C17 P4O D . 1.59 8.26 9.93
C18 P4O D . 0.68 7.25 9.59
C14 P4O D . 1.13 5.83 9.50
C13 P4O D . 0.24 4.75 9.56
N15 P4O D . 2.41 5.57 9.32
C10 P4O D . 2.91 4.34 9.25
C11 P4O D . 2.08 3.24 9.30
C12 P4O D . 0.72 3.45 9.46
C2 P4O D . -0.20 2.31 9.53
C3 P4O D . 0.16 1.01 9.56
C4 P4O D . -1.02 0.28 9.61
C6 P4O D . -1.23 -1.18 9.66
O26 P4O D . -0.29 -1.93 9.59
N7 P4O D . -2.51 -1.59 9.78
C8 P4O D . -3.58 -0.72 10.24
C9 P4O D . -3.51 0.71 9.67
C5 P4O D . -2.08 1.17 9.60
N1 P4O D . -1.58 2.40 9.55
#